data_7NJ8
#
_entry.id   7NJ8
#
_cell.length_a   82.394
_cell.length_b   112.244
_cell.length_c   62.584
_cell.angle_alpha   90.000
_cell.angle_beta   90.000
_cell.angle_gamma   90.000
#
_symmetry.space_group_name_H-M   'C 2 2 21'
#
loop_
_entity.id
_entity.type
_entity.pdbx_description
1 polymer '14-3-3 protein sigma'
2 polymer 'Peptidyl-prolyl cis-trans isomerase NIMA-interacting 1'
3 non-polymer [4-(1H-benzimidazol-1-yl)phenyl]methanol
4 non-polymer 'CALCIUM ION'
5 non-polymer 'MAGNESIUM ION'
6 water water
#
loop_
_entity_poly.entity_id
_entity_poly.type
_entity_poly.pdbx_seq_one_letter_code
_entity_poly.pdbx_strand_id
1 'polypeptide(L)'
;GAMGSMERASLIQKAKLAEQAERYEDMAAFMKGAVEKGEELS(CSO)EERNLLSVAYKNVVGGQRAAWRVLSSIEQKSNE
EGSEEKGPEVREYREKVETELQGVCDTVLGLLDSHLIKEAGDAESRVFYLKMKGDYYRYLAEVATGDDKKRIIDSARSAY
QEAMDISKKEMPPTNPIRLGLALNFSVFHYEIANSPEEAISLAKTTFDEAMADLHTLSEDSYKDSTLIMQLLRDNLTLWT
ADNAGEEGGEAPQEPQS
;
A
2 'polypeptide(L)' LVKHSQSRRPS(SEP)WRQEK P
#
loop_
_chem_comp.id
_chem_comp.type
_chem_comp.name
_chem_comp.formula
CA non-polymer 'CALCIUM ION' 'Ca 2'
JFS non-polymer [4-(1H-benzimidazol-1-yl)phenyl]methanol 'C14 H12 N2 O'
MG non-polymer 'MAGNESIUM ION' 'Mg 2'
#
# COMPACT_ATOMS: atom_id res chain seq x y z
N MET A 3 5.55 23.65 0.36
CA MET A 3 5.30 23.56 1.79
C MET A 3 6.53 23.90 2.60
N GLY A 4 7.59 24.33 1.90
CA GLY A 4 8.85 24.60 2.57
C GLY A 4 8.76 25.65 3.65
N SER A 5 7.84 26.60 3.53
CA SER A 5 7.77 27.69 4.49
C SER A 5 6.84 27.40 5.67
N MET A 6 6.12 26.27 5.68
CA MET A 6 5.26 25.92 6.80
C MET A 6 6.00 25.07 7.84
N GLU A 7 5.73 25.36 9.12
CA GLU A 7 6.27 24.53 10.22
C GLU A 7 5.87 23.07 10.07
N ARG A 8 6.78 22.17 10.44
CA ARG A 8 6.45 20.75 10.45
C ARG A 8 5.17 20.48 11.24
N ALA A 9 5.08 21.01 12.46
CA ALA A 9 3.92 20.70 13.29
C ALA A 9 2.62 21.22 12.67
N SER A 10 2.69 22.37 11.98
CA SER A 10 1.53 22.91 11.28
C SER A 10 1.11 22.04 10.09
N LEU A 11 2.08 21.52 9.34
CA LEU A 11 1.78 20.57 8.27
C LEU A 11 1.06 19.33 8.82
N ILE A 12 1.54 18.78 9.94
CA ILE A 12 0.89 17.61 10.52
C ILE A 12 -0.52 17.95 10.96
N GLN A 13 -0.66 19.09 11.65
CA GLN A 13 -1.99 19.52 12.09
C GLN A 13 -2.93 19.68 10.89
N LYS A 14 -2.46 20.31 9.82
CA LYS A 14 -3.31 20.51 8.64
C LYS A 14 -3.60 19.19 7.94
N ALA A 15 -2.66 18.24 7.94
CA ALA A 15 -2.98 16.93 7.37
C ALA A 15 -4.14 16.28 8.11
N LYS A 16 -4.16 16.39 9.44
CA LYS A 16 -5.28 15.84 10.21
C LYS A 16 -6.58 16.54 9.87
N LEU A 17 -6.55 17.86 9.71
CA LEU A 17 -7.74 18.61 9.30
C LEU A 17 -8.22 18.18 7.92
N ALA A 18 -7.28 18.01 6.98
CA ALA A 18 -7.66 17.59 5.63
C ALA A 18 -8.29 16.21 5.66
N GLU A 19 -7.77 15.30 6.49
CA GLU A 19 -8.40 13.99 6.64
C GLU A 19 -9.84 14.13 7.13
N GLN A 20 -10.08 14.97 8.13
CA GLN A 20 -11.44 15.15 8.64
C GLN A 20 -12.36 15.70 7.57
N ALA A 21 -11.84 16.53 6.67
CA ALA A 21 -12.58 17.14 5.59
C ALA A 21 -12.61 16.29 4.32
N GLU A 22 -12.00 15.10 4.38
CA GLU A 22 -11.89 14.18 3.23
C GLU A 22 -11.25 14.86 2.03
N ARG A 23 -10.27 15.73 2.31
CA ARG A 23 -9.50 16.41 1.28
C ARG A 23 -8.15 15.72 1.16
N TYR A 24 -8.15 14.57 0.48
CA TYR A 24 -6.97 13.71 0.54
C TYR A 24 -5.82 14.21 -0.31
N GLU A 25 -6.09 14.93 -1.40
N GLU A 25 -6.10 14.92 -1.40
CA GLU A 25 -5.00 15.53 -2.14
CA GLU A 25 -5.02 15.55 -2.16
C GLU A 25 -4.26 16.56 -1.28
C GLU A 25 -4.27 16.55 -1.28
N ASP A 26 -5.00 17.42 -0.58
CA ASP A 26 -4.37 18.32 0.38
C ASP A 26 -3.60 17.56 1.45
N MET A 27 -4.25 16.55 2.05
CA MET A 27 -3.58 15.71 3.05
C MET A 27 -2.23 15.24 2.56
N ALA A 28 -2.19 14.68 1.34
CA ALA A 28 -0.95 14.12 0.80
C ALA A 28 0.11 15.20 0.61
N ALA A 29 -0.31 16.38 0.15
CA ALA A 29 0.64 17.47 -0.02
C ALA A 29 1.21 17.93 1.31
N PHE A 30 0.35 18.01 2.35
CA PHE A 30 0.85 18.37 3.67
C PHE A 30 1.82 17.32 4.22
N MET A 31 1.47 16.03 4.11
CA MET A 31 2.42 14.99 4.57
C MET A 31 3.68 14.92 3.71
N LYS A 32 3.61 15.18 2.41
CA LYS A 32 4.83 15.28 1.63
C LYS A 32 5.73 16.39 2.17
N GLY A 33 5.14 17.55 2.45
CA GLY A 33 5.90 18.64 3.06
C GLY A 33 6.52 18.27 4.40
N ALA A 34 5.77 17.54 5.25
CA ALA A 34 6.31 17.10 6.54
C ALA A 34 7.50 16.15 6.35
N VAL A 35 7.37 15.18 5.45
CA VAL A 35 8.49 14.27 5.17
C VAL A 35 9.71 15.07 4.73
N GLU A 36 9.51 16.06 3.86
CA GLU A 36 10.63 16.82 3.29
C GLU A 36 11.31 17.71 4.32
N LYS A 37 10.75 17.82 5.52
CA LYS A 37 11.50 18.48 6.60
C LYS A 37 12.72 17.67 7.02
N GLY A 38 12.77 16.38 6.70
CA GLY A 38 13.96 15.58 6.89
C GLY A 38 14.04 14.81 8.19
N GLU A 39 13.10 15.02 9.12
CA GLU A 39 13.07 14.25 10.35
C GLU A 39 12.31 12.94 10.14
N GLU A 40 12.65 11.93 10.94
CA GLU A 40 11.92 10.68 10.87
C GLU A 40 10.46 10.91 11.27
N LEU A 41 9.59 9.99 10.87
CA LEU A 41 8.15 10.09 11.13
C LEU A 41 7.78 9.19 12.30
N SER A 42 6.91 9.69 13.17
CA SER A 42 6.33 8.84 14.23
C SER A 42 5.35 7.82 13.66
N CSO A 43 4.89 6.90 14.52
N CSO A 43 4.87 6.91 14.50
CA CSO A 43 3.92 5.89 14.11
CA CSO A 43 3.94 5.89 14.04
CB CSO A 43 3.61 4.98 15.32
CB CSO A 43 3.68 4.84 15.13
SG CSO A 43 2.32 3.77 14.97
SG CSO A 43 2.18 3.87 14.79
C CSO A 43 2.66 6.57 13.56
C CSO A 43 2.62 6.54 13.56
O CSO A 43 2.18 6.24 12.46
O CSO A 43 2.06 6.13 12.55
OD CSO A 43 0.73 4.51 15.25
OD CSO A 43 2.55 2.50 13.71
N GLU A 44 2.15 7.54 14.29
CA GLU A 44 0.94 8.27 13.87
C GLU A 44 1.18 8.99 12.53
N GLU A 45 2.35 9.62 12.41
CA GLU A 45 2.66 10.38 11.20
C GLU A 45 2.81 9.45 9.99
N ARG A 46 3.39 8.26 10.19
CA ARG A 46 3.47 7.30 9.10
C ARG A 46 2.08 6.90 8.64
N ASN A 47 1.17 6.70 9.58
CA ASN A 47 -0.21 6.36 9.21
C ASN A 47 -0.84 7.48 8.41
N LEU A 48 -0.58 8.75 8.77
CA LEU A 48 -1.18 9.85 8.02
C LEU A 48 -0.68 9.89 6.59
N LEU A 49 0.64 9.71 6.44
CA LEU A 49 1.24 9.64 5.11
C LEU A 49 0.58 8.57 4.27
N SER A 50 0.49 7.36 4.83
CA SER A 50 -0.09 6.22 4.12
C SER A 50 -1.55 6.46 3.75
N VAL A 51 -2.38 6.88 4.72
CA VAL A 51 -3.80 7.12 4.45
C VAL A 51 -3.97 8.14 3.33
N ALA A 52 -3.18 9.21 3.37
CA ALA A 52 -3.33 10.27 2.38
C ALA A 52 -3.08 9.72 0.98
N TYR A 53 -1.93 9.10 0.77
CA TYR A 53 -1.61 8.67 -0.59
C TYR A 53 -2.44 7.46 -1.01
N LYS A 54 -2.85 6.60 -0.06
CA LYS A 54 -3.70 5.47 -0.43
C LYS A 54 -5.03 5.96 -0.98
N ASN A 55 -5.59 7.01 -0.38
CA ASN A 55 -6.85 7.56 -0.86
C ASN A 55 -6.68 8.25 -2.21
N VAL A 56 -5.59 9.00 -2.41
CA VAL A 56 -5.39 9.67 -3.70
C VAL A 56 -5.25 8.65 -4.81
N VAL A 57 -4.31 7.71 -4.66
N VAL A 57 -4.30 7.72 -4.66
CA VAL A 57 -4.08 6.73 -5.71
CA VAL A 57 -4.08 6.71 -5.69
C VAL A 57 -5.24 5.75 -5.80
C VAL A 57 -5.31 5.82 -5.83
N GLY A 58 -5.99 5.55 -4.71
CA GLY A 58 -7.15 4.68 -4.78
C GLY A 58 -8.23 5.23 -5.70
N GLY A 59 -8.47 6.54 -5.63
CA GLY A 59 -9.39 7.17 -6.56
C GLY A 59 -8.89 7.13 -8.00
N GLN A 60 -7.59 7.31 -8.21
CA GLN A 60 -7.05 7.23 -9.55
C GLN A 60 -7.16 5.82 -10.11
N ARG A 61 -6.87 4.81 -9.27
CA ARG A 61 -7.00 3.43 -9.72
C ARG A 61 -8.43 3.10 -10.08
N ALA A 62 -9.39 3.57 -9.28
CA ALA A 62 -10.79 3.32 -9.59
C ALA A 62 -11.17 3.96 -10.91
N ALA A 63 -10.72 5.20 -11.14
CA ALA A 63 -11.01 5.86 -12.42
C ALA A 63 -10.32 5.16 -13.59
N TRP A 64 -9.06 4.75 -13.41
CA TRP A 64 -8.36 4.04 -14.47
C TRP A 64 -9.11 2.77 -14.86
N ARG A 65 -9.64 2.02 -13.88
CA ARG A 65 -10.34 0.79 -14.21
C ARG A 65 -11.64 1.05 -14.96
N VAL A 66 -12.39 2.09 -14.58
CA VAL A 66 -13.57 2.47 -15.35
C VAL A 66 -13.18 2.75 -16.80
N LEU A 67 -12.15 3.58 -17.01
CA LEU A 67 -11.78 3.98 -18.37
C LEU A 67 -11.17 2.81 -19.15
N SER A 68 -10.37 1.98 -18.49
N SER A 68 -10.37 1.97 -18.50
CA SER A 68 -9.78 0.82 -19.16
CA SER A 68 -9.80 0.81 -19.20
C SER A 68 -10.87 -0.12 -19.67
C SER A 68 -10.88 -0.12 -19.69
N SER A 69 -11.93 -0.30 -18.87
CA SER A 69 -13.05 -1.15 -19.28
C SER A 69 -13.77 -0.57 -20.48
N ILE A 70 -14.04 0.73 -20.46
CA ILE A 70 -14.65 1.37 -21.63
C ILE A 70 -13.75 1.20 -22.85
N GLU A 71 -12.45 1.39 -22.66
CA GLU A 71 -11.51 1.28 -23.78
C GLU A 71 -11.50 -0.14 -24.37
N GLN A 72 -11.55 -1.16 -23.50
CA GLN A 72 -11.55 -2.52 -24.00
C GLN A 72 -12.84 -2.84 -24.77
N LYS A 73 -13.97 -2.35 -24.28
CA LYS A 73 -15.22 -2.55 -25.02
C LYS A 73 -15.20 -1.85 -26.38
N SER A 74 -14.44 -0.77 -26.51
CA SER A 74 -14.37 -0.06 -27.78
C SER A 74 -13.50 -0.80 -28.80
N ASN A 75 -12.55 -1.61 -28.33
CA ASN A 75 -11.64 -2.33 -29.22
C ASN A 75 -12.15 -3.74 -29.54
N GLY A 83 -13.03 7.02 -31.95
CA GLY A 83 -11.92 7.97 -32.01
C GLY A 83 -10.89 7.74 -30.91
N PRO A 84 -9.92 8.66 -30.81
CA PRO A 84 -8.84 8.48 -29.84
C PRO A 84 -9.18 8.89 -28.41
N GLU A 85 -10.39 9.40 -28.14
CA GLU A 85 -10.62 10.10 -26.88
C GLU A 85 -10.54 9.16 -25.68
N VAL A 86 -11.12 7.96 -25.76
CA VAL A 86 -11.10 7.08 -24.59
C VAL A 86 -9.67 6.72 -24.23
N ARG A 87 -8.88 6.34 -25.24
CA ARG A 87 -7.46 6.02 -25.00
C ARG A 87 -6.71 7.23 -24.47
N GLU A 88 -6.93 8.40 -25.07
CA GLU A 88 -6.25 9.61 -24.62
C GLU A 88 -6.54 9.90 -23.16
N TYR A 89 -7.81 9.77 -22.77
CA TYR A 89 -8.18 10.15 -21.41
C TYR A 89 -7.71 9.08 -20.40
N ARG A 90 -7.80 7.79 -20.77
CA ARG A 90 -7.21 6.75 -19.93
C ARG A 90 -5.71 7.01 -19.72
N GLU A 91 -5.01 7.37 -20.79
CA GLU A 91 -3.57 7.68 -20.71
C GLU A 91 -3.31 8.85 -19.78
N LYS A 92 -4.17 9.88 -19.82
CA LYS A 92 -4.00 11.03 -18.94
C LYS A 92 -4.12 10.61 -17.48
N VAL A 93 -5.17 9.85 -17.17
CA VAL A 93 -5.37 9.38 -15.80
C VAL A 93 -4.22 8.48 -15.39
N GLU A 94 -3.80 7.60 -16.30
CA GLU A 94 -2.68 6.70 -16.05
C GLU A 94 -1.39 7.45 -15.74
N THR A 95 -1.12 8.51 -16.51
CA THR A 95 0.07 9.31 -16.26
C THR A 95 0.01 10.01 -14.92
N GLU A 96 -1.16 10.49 -14.53
N GLU A 96 -1.17 10.49 -14.54
CA GLU A 96 -1.25 11.16 -13.24
CA GLU A 96 -1.32 11.17 -13.26
C GLU A 96 -1.07 10.17 -12.10
C GLU A 96 -1.11 10.19 -12.11
N LEU A 97 -1.64 8.97 -12.25
CA LEU A 97 -1.42 7.92 -11.26
C LEU A 97 0.07 7.57 -11.14
N GLN A 98 0.74 7.40 -12.28
CA GLN A 98 2.17 7.08 -12.23
C GLN A 98 2.94 8.19 -11.54
N GLY A 99 2.53 9.45 -11.76
CA GLY A 99 3.21 10.54 -11.09
C GLY A 99 3.06 10.48 -9.59
N VAL A 100 1.86 10.15 -9.10
CA VAL A 100 1.64 10.03 -7.67
C VAL A 100 2.47 8.87 -7.10
N CYS A 101 2.48 7.73 -7.81
CA CYS A 101 3.29 6.61 -7.33
C CYS A 101 4.77 6.97 -7.29
N ASP A 102 5.25 7.66 -8.32
CA ASP A 102 6.66 8.06 -8.36
C ASP A 102 6.99 9.00 -7.21
N THR A 103 6.05 9.90 -6.88
CA THR A 103 6.27 10.82 -5.77
C THR A 103 6.43 10.06 -4.46
N VAL A 104 5.52 9.13 -4.18
CA VAL A 104 5.60 8.36 -2.93
C VAL A 104 6.89 7.57 -2.89
N LEU A 105 7.19 6.86 -3.99
CA LEU A 105 8.44 6.10 -4.04
C LEU A 105 9.66 6.99 -3.85
N GLY A 106 9.60 8.21 -4.37
CA GLY A 106 10.70 9.14 -4.16
C GLY A 106 10.86 9.52 -2.70
N LEU A 107 9.74 9.69 -1.98
CA LEU A 107 9.85 10.01 -0.56
C LEU A 107 10.44 8.84 0.20
N LEU A 108 10.04 7.61 -0.15
CA LEU A 108 10.58 6.43 0.53
C LEU A 108 12.07 6.32 0.29
N ASP A 109 12.52 6.63 -0.93
CA ASP A 109 13.91 6.48 -1.31
C ASP A 109 14.76 7.66 -0.83
N SER A 110 14.14 8.83 -0.57
CA SER A 110 14.85 10.04 -0.17
C SER A 110 14.09 10.75 0.97
N HIS A 111 14.27 10.28 2.22
CA HIS A 111 15.21 9.24 2.63
C HIS A 111 14.59 8.38 3.73
N LEU A 112 13.27 8.14 3.64
CA LEU A 112 12.55 7.47 4.72
C LEU A 112 13.11 6.08 5.02
N ILE A 113 13.34 5.27 3.98
CA ILE A 113 13.72 3.88 4.24
C ILE A 113 15.12 3.80 4.83
N LYS A 114 16.06 4.56 4.28
CA LYS A 114 17.43 4.41 4.77
C LYS A 114 17.57 4.87 6.21
N GLU A 115 16.71 5.77 6.69
CA GLU A 115 16.79 6.19 8.08
C GLU A 115 15.91 5.36 9.03
N ALA A 116 15.13 4.41 8.51
CA ALA A 116 14.21 3.62 9.33
C ALA A 116 14.94 2.40 9.89
N GLY A 117 15.22 2.42 11.19
CA GLY A 117 15.97 1.35 11.82
C GLY A 117 15.14 0.35 12.60
N ASP A 118 14.04 0.83 13.15
CA ASP A 118 13.17 -0.04 13.93
C ASP A 118 12.34 -0.89 12.99
N ALA A 119 12.06 -2.13 13.42
CA ALA A 119 11.23 -3.02 12.62
C ALA A 119 9.90 -2.37 12.21
N GLU A 120 9.21 -1.72 13.15
CA GLU A 120 7.89 -1.17 12.84
C GLU A 120 7.96 -0.12 11.73
N SER A 121 8.99 0.73 11.75
CA SER A 121 9.05 1.73 10.69
C SER A 121 9.59 1.13 9.39
N ARG A 122 10.63 0.31 9.47
CA ARG A 122 11.24 -0.20 8.24
C ARG A 122 10.26 -1.10 7.49
N VAL A 123 9.54 -1.98 8.21
CA VAL A 123 8.56 -2.83 7.55
C VAL A 123 7.43 -2.00 6.95
N PHE A 124 6.96 -0.99 7.70
CA PHE A 124 5.90 -0.12 7.18
C PHE A 124 6.30 0.51 5.85
N TYR A 125 7.52 1.10 5.77
CA TYR A 125 7.93 1.77 4.54
C TYR A 125 8.17 0.78 3.42
N LEU A 126 8.68 -0.42 3.71
CA LEU A 126 8.92 -1.38 2.64
C LEU A 126 7.60 -1.94 2.10
N LYS A 127 6.62 -2.16 2.98
CA LYS A 127 5.26 -2.48 2.53
C LYS A 127 4.74 -1.39 1.59
N MET A 128 4.94 -0.14 1.97
CA MET A 128 4.52 0.98 1.15
C MET A 128 5.20 0.92 -0.23
N LYS A 129 6.51 0.63 -0.24
CA LYS A 129 7.25 0.56 -1.50
C LYS A 129 6.70 -0.58 -2.37
N GLY A 130 6.43 -1.73 -1.76
CA GLY A 130 5.80 -2.80 -2.51
C GLY A 130 4.44 -2.39 -3.08
N ASP A 131 3.62 -1.72 -2.27
CA ASP A 131 2.29 -1.32 -2.74
C ASP A 131 2.37 -0.37 -3.93
N TYR A 132 3.24 0.65 -3.86
CA TYR A 132 3.22 1.62 -4.97
C TYR A 132 3.85 1.05 -6.23
N TYR A 133 4.81 0.12 -6.11
CA TYR A 133 5.24 -0.61 -7.30
C TYR A 133 4.13 -1.52 -7.82
N ARG A 134 3.34 -2.13 -6.91
CA ARG A 134 2.18 -2.90 -7.35
C ARG A 134 1.20 -2.03 -8.14
N TYR A 135 0.92 -0.82 -7.68
CA TYR A 135 0.04 0.05 -8.44
C TYR A 135 0.62 0.42 -9.80
N LEU A 136 1.94 0.68 -9.86
CA LEU A 136 2.59 0.85 -11.15
C LEU A 136 2.44 -0.40 -12.01
N ALA A 137 2.59 -1.59 -11.40
CA ALA A 137 2.44 -2.83 -12.17
C ALA A 137 1.04 -2.98 -12.76
N GLU A 138 0.00 -2.49 -12.06
CA GLU A 138 -1.37 -2.68 -12.53
C GLU A 138 -1.59 -2.04 -13.90
N VAL A 139 -0.85 -0.98 -14.21
CA VAL A 139 -1.05 -0.24 -15.46
C VAL A 139 0.09 -0.44 -16.43
N ALA A 140 1.12 -1.21 -16.07
CA ALA A 140 2.31 -1.36 -16.88
C ALA A 140 2.06 -2.34 -18.01
N THR A 141 2.63 -2.03 -19.19
CA THR A 141 2.48 -2.86 -20.38
C THR A 141 3.72 -2.89 -21.26
N GLY A 142 4.80 -2.19 -20.88
CA GLY A 142 5.94 -2.03 -21.76
C GLY A 142 7.19 -2.80 -21.37
N ASP A 143 8.34 -2.24 -21.74
CA ASP A 143 9.62 -2.92 -21.55
C ASP A 143 9.94 -3.19 -20.08
N ASP A 144 9.48 -2.33 -19.18
CA ASP A 144 9.89 -2.40 -17.77
C ASP A 144 8.83 -3.05 -16.87
N LYS A 145 7.75 -3.62 -17.44
CA LYS A 145 6.70 -4.22 -16.62
C LYS A 145 7.25 -5.36 -15.75
N LYS A 146 8.13 -6.20 -16.31
CA LYS A 146 8.72 -7.24 -15.49
C LYS A 146 9.59 -6.66 -14.40
N ARG A 147 10.34 -5.61 -14.72
CA ARG A 147 11.19 -5.00 -13.70
C ARG A 147 10.34 -4.33 -12.62
N ILE A 148 9.21 -3.72 -13.02
CA ILE A 148 8.31 -3.14 -12.01
C ILE A 148 7.79 -4.21 -11.07
N ILE A 149 7.38 -5.36 -11.62
CA ILE A 149 6.88 -6.46 -10.80
C ILE A 149 7.96 -6.95 -9.85
N ASP A 150 9.20 -7.09 -10.34
CA ASP A 150 10.26 -7.55 -9.46
C ASP A 150 10.61 -6.53 -8.40
N SER A 151 10.44 -5.23 -8.70
CA SER A 151 10.68 -4.23 -7.67
C SER A 151 9.64 -4.33 -6.57
N ALA A 152 8.38 -4.54 -6.93
CA ALA A 152 7.37 -4.77 -5.90
C ALA A 152 7.72 -6.00 -5.08
N ARG A 153 8.03 -7.10 -5.77
N ARG A 153 8.02 -7.11 -5.76
CA ARG A 153 8.32 -8.36 -5.09
CA ARG A 153 8.33 -8.36 -5.10
C ARG A 153 9.48 -8.20 -4.11
C ARG A 153 9.48 -8.20 -4.11
N SER A 154 10.55 -7.52 -4.54
CA SER A 154 11.73 -7.38 -3.69
C SER A 154 11.44 -6.59 -2.42
N ALA A 155 10.64 -5.53 -2.54
CA ALA A 155 10.30 -4.71 -1.38
C ALA A 155 9.43 -5.49 -0.41
N TYR A 156 8.38 -6.15 -0.93
CA TYR A 156 7.55 -7.01 -0.11
C TYR A 156 8.37 -8.10 0.57
N GLN A 157 9.30 -8.72 -0.17
CA GLN A 157 10.08 -9.82 0.39
C GLN A 157 10.97 -9.35 1.52
N GLU A 158 11.65 -8.22 1.36
CA GLU A 158 12.45 -7.68 2.46
C GLU A 158 11.59 -7.40 3.69
N ALA A 159 10.43 -6.79 3.48
CA ALA A 159 9.51 -6.49 4.58
C ALA A 159 9.08 -7.78 5.28
N MET A 160 8.71 -8.81 4.51
CA MET A 160 8.35 -10.11 5.09
C MET A 160 9.48 -10.68 5.93
N ASP A 161 10.70 -10.70 5.40
CA ASP A 161 11.82 -11.26 6.15
C ASP A 161 12.00 -10.55 7.49
N ILE A 162 11.97 -9.22 7.48
CA ILE A 162 12.09 -8.49 8.74
C ILE A 162 10.92 -8.80 9.68
N SER A 163 9.69 -8.79 9.13
CA SER A 163 8.52 -8.94 9.97
C SER A 163 8.49 -10.31 10.65
N LYS A 164 8.93 -11.35 9.93
CA LYS A 164 8.94 -12.67 10.53
C LYS A 164 9.98 -12.78 11.65
N LYS A 165 11.13 -12.10 11.52
CA LYS A 165 12.11 -12.15 12.60
C LYS A 165 11.79 -11.22 13.77
N GLU A 166 11.12 -10.10 13.52
CA GLU A 166 11.07 -9.03 14.52
C GLU A 166 9.70 -8.74 15.09
N MET A 167 8.64 -9.32 14.54
CA MET A 167 7.30 -8.95 14.98
C MET A 167 6.51 -10.21 15.29
N PRO A 168 5.56 -10.13 16.23
CA PRO A 168 4.68 -11.26 16.49
C PRO A 168 3.73 -11.49 15.32
N PRO A 169 3.19 -12.69 15.19
CA PRO A 169 2.33 -13.01 14.05
C PRO A 169 1.04 -12.23 14.02
N THR A 170 0.63 -11.63 15.14
CA THR A 170 -0.58 -10.82 15.18
C THR A 170 -0.33 -9.34 14.94
N ASN A 171 0.91 -8.92 14.77
CA ASN A 171 1.19 -7.50 14.58
C ASN A 171 0.42 -6.95 13.37
N PRO A 172 -0.37 -5.88 13.54
CA PRO A 172 -1.21 -5.42 12.40
C PRO A 172 -0.43 -5.08 11.14
N ILE A 173 0.77 -4.53 11.28
CA ILE A 173 1.57 -4.20 10.09
C ILE A 173 2.06 -5.48 9.43
N ARG A 174 2.51 -6.45 10.22
CA ARG A 174 2.85 -7.77 9.67
C ARG A 174 1.66 -8.39 8.94
N LEU A 175 0.46 -8.31 9.53
CA LEU A 175 -0.74 -8.88 8.90
C LEU A 175 -1.11 -8.14 7.62
N GLY A 176 -1.11 -6.81 7.66
CA GLY A 176 -1.45 -6.05 6.46
C GLY A 176 -0.44 -6.24 5.35
N LEU A 177 0.84 -6.34 5.70
CA LEU A 177 1.87 -6.66 4.71
C LEU A 177 1.59 -8.01 4.06
N ALA A 178 1.32 -9.03 4.87
CA ALA A 178 1.08 -10.36 4.29
C ALA A 178 -0.17 -10.36 3.41
N LEU A 179 -1.23 -9.70 3.87
CA LEU A 179 -2.43 -9.50 3.06
C LEU A 179 -2.09 -8.92 1.69
N ASN A 180 -1.31 -7.82 1.67
CA ASN A 180 -1.03 -7.15 0.40
C ASN A 180 -0.07 -7.95 -0.46
N PHE A 181 0.90 -8.63 0.15
CA PHE A 181 1.80 -9.46 -0.65
C PHE A 181 1.02 -10.62 -1.25
N SER A 182 0.02 -11.14 -0.54
N SER A 182 0.02 -11.13 -0.53
CA SER A 182 -0.82 -12.19 -1.10
CA SER A 182 -0.83 -12.17 -1.07
C SER A 182 -1.66 -11.67 -2.27
C SER A 182 -1.64 -11.66 -2.26
N VAL A 183 -2.15 -10.43 -2.18
CA VAL A 183 -2.85 -9.82 -3.32
C VAL A 183 -1.89 -9.65 -4.49
N PHE A 184 -0.65 -9.19 -4.21
CA PHE A 184 0.38 -9.13 -5.25
C PHE A 184 0.52 -10.47 -5.96
N HIS A 185 0.67 -11.55 -5.17
CA HIS A 185 0.85 -12.86 -5.79
C HIS A 185 -0.34 -13.22 -6.66
N TYR A 186 -1.57 -12.94 -6.17
CA TYR A 186 -2.75 -13.40 -6.90
C TYR A 186 -2.98 -12.56 -8.15
N GLU A 187 -2.91 -11.24 -8.01
CA GLU A 187 -3.36 -10.33 -9.05
C GLU A 187 -2.27 -9.91 -10.02
N ILE A 188 -1.01 -9.84 -9.57
CA ILE A 188 0.08 -9.29 -10.35
C ILE A 188 1.01 -10.38 -10.85
N ALA A 189 1.43 -11.29 -9.96
CA ALA A 189 2.44 -12.30 -10.27
C ALA A 189 1.86 -13.58 -10.87
N ASN A 190 0.54 -13.66 -11.03
N ASN A 190 0.54 -13.66 -11.03
CA ASN A 190 -0.13 -14.85 -11.57
CA ASN A 190 -0.10 -14.86 -11.57
C ASN A 190 0.29 -16.11 -10.80
C ASN A 190 0.31 -16.10 -10.80
N SER A 191 0.35 -15.97 -9.47
CA SER A 191 0.73 -17.06 -8.57
C SER A 191 -0.40 -17.25 -7.56
N PRO A 192 -1.58 -17.69 -8.00
CA PRO A 192 -2.69 -17.81 -7.05
C PRO A 192 -2.43 -18.83 -5.95
N GLU A 193 -1.68 -19.91 -6.22
CA GLU A 193 -1.39 -20.86 -5.15
C GLU A 193 -0.50 -20.24 -4.08
N GLU A 194 0.51 -19.47 -4.49
CA GLU A 194 1.32 -18.72 -3.52
C GLU A 194 0.46 -17.76 -2.70
N ALA A 195 -0.48 -17.08 -3.37
CA ALA A 195 -1.37 -16.14 -2.67
C ALA A 195 -2.19 -16.85 -1.60
N ILE A 196 -2.79 -17.99 -1.96
CA ILE A 196 -3.62 -18.74 -1.02
C ILE A 196 -2.80 -19.29 0.14
N SER A 197 -1.65 -19.87 -0.17
N SER A 197 -1.63 -19.86 -0.16
CA SER A 197 -0.81 -20.42 0.90
CA SER A 197 -0.80 -20.43 0.91
C SER A 197 -0.38 -19.34 1.87
C SER A 197 -0.32 -19.36 1.87
N LEU A 198 0.04 -18.18 1.36
CA LEU A 198 0.47 -17.09 2.24
C LEU A 198 -0.69 -16.62 3.11
N ALA A 199 -1.88 -16.45 2.53
CA ALA A 199 -3.02 -15.97 3.32
C ALA A 199 -3.38 -16.98 4.41
N LYS A 200 -3.34 -18.27 4.08
CA LYS A 200 -3.74 -19.28 5.06
C LYS A 200 -2.72 -19.39 6.19
N THR A 201 -1.43 -19.48 5.84
N THR A 201 -1.42 -19.50 5.87
CA THR A 201 -0.38 -19.57 6.85
CA THR A 201 -0.44 -19.58 6.95
C THR A 201 -0.35 -18.33 7.74
C THR A 201 -0.42 -18.31 7.79
N THR A 202 -0.58 -17.15 7.16
CA THR A 202 -0.64 -15.92 7.94
C THR A 202 -1.81 -15.94 8.91
N PHE A 203 -2.98 -16.36 8.41
CA PHE A 203 -4.16 -16.42 9.26
C PHE A 203 -3.98 -17.41 10.42
N ASP A 204 -3.48 -18.61 10.11
CA ASP A 204 -3.36 -19.66 11.11
C ASP A 204 -2.35 -19.29 12.19
N GLU A 205 -1.20 -18.72 11.81
CA GLU A 205 -0.24 -18.31 12.84
C GLU A 205 -0.72 -17.13 13.66
N ALA A 206 -1.54 -16.24 13.07
CA ALA A 206 -2.12 -15.16 13.87
C ALA A 206 -3.14 -15.73 14.84
N MET A 207 -4.03 -16.60 14.36
CA MET A 207 -4.98 -17.26 15.25
C MET A 207 -4.33 -17.85 16.50
N ALA A 208 -3.20 -18.53 16.33
CA ALA A 208 -2.54 -19.19 17.45
C ALA A 208 -1.84 -18.23 18.41
N ASP A 209 -1.72 -16.95 18.05
CA ASP A 209 -1.08 -15.94 18.89
C ASP A 209 -2.10 -14.97 19.52
N LEU A 210 -3.39 -15.10 19.16
CA LEU A 210 -4.39 -14.16 19.69
C LEU A 210 -4.47 -14.22 21.21
N HIS A 211 -4.19 -15.38 21.80
CA HIS A 211 -4.34 -15.55 23.24
C HIS A 211 -3.44 -14.60 24.04
N THR A 212 -2.38 -14.07 23.43
CA THR A 212 -1.42 -13.20 24.10
C THR A 212 -1.86 -11.74 24.18
N LEU A 213 -2.96 -11.38 23.52
CA LEU A 213 -3.31 -9.99 23.25
C LEU A 213 -4.34 -9.46 24.25
N SER A 214 -4.27 -8.15 24.47
CA SER A 214 -5.36 -7.42 25.12
C SER A 214 -6.59 -7.37 24.22
N GLU A 215 -7.71 -6.97 24.82
CA GLU A 215 -8.96 -6.85 24.06
C GLU A 215 -8.82 -5.89 22.89
N ASP A 216 -8.13 -4.76 23.09
CA ASP A 216 -7.98 -3.78 22.01
C ASP A 216 -7.08 -4.31 20.90
N SER A 217 -5.96 -4.92 21.26
CA SER A 217 -5.07 -5.51 20.26
C SER A 217 -5.75 -6.68 19.55
N TYR A 218 -6.51 -7.48 20.28
CA TYR A 218 -7.30 -8.54 19.66
C TYR A 218 -8.22 -7.98 18.57
N LYS A 219 -8.90 -6.87 18.87
CA LYS A 219 -9.77 -6.26 17.87
C LYS A 219 -8.98 -5.82 16.64
N ASP A 220 -7.83 -5.17 16.84
CA ASP A 220 -7.02 -4.74 15.70
C ASP A 220 -6.60 -5.93 14.82
N SER A 221 -6.11 -7.00 15.45
CA SER A 221 -5.58 -8.14 14.71
C SER A 221 -6.68 -8.90 13.99
N THR A 222 -7.79 -9.18 14.69
CA THR A 222 -8.86 -9.95 14.07
C THR A 222 -9.51 -9.19 12.91
N LEU A 223 -9.52 -7.86 12.94
CA LEU A 223 -10.08 -7.13 11.82
C LEU A 223 -9.31 -7.40 10.53
N ILE A 224 -7.98 -7.45 10.59
CA ILE A 224 -7.19 -7.73 9.39
C ILE A 224 -7.23 -9.20 9.04
N MET A 225 -7.28 -10.09 10.04
CA MET A 225 -7.45 -11.51 9.76
C MET A 225 -8.72 -11.74 8.95
N GLN A 226 -9.77 -10.96 9.22
CA GLN A 226 -11.01 -11.12 8.47
C GLN A 226 -10.81 -10.79 7.00
N LEU A 227 -9.96 -9.83 6.69
CA LEU A 227 -9.66 -9.55 5.29
C LEU A 227 -8.94 -10.71 4.62
N LEU A 228 -7.99 -11.34 5.33
CA LEU A 228 -7.38 -12.57 4.82
C LEU A 228 -8.43 -13.65 4.58
N ARG A 229 -9.36 -13.82 5.52
CA ARG A 229 -10.45 -14.78 5.34
C ARG A 229 -11.30 -14.45 4.12
N ASP A 230 -11.62 -13.18 3.92
CA ASP A 230 -12.46 -12.80 2.79
C ASP A 230 -11.79 -13.17 1.48
N ASN A 231 -10.49 -12.95 1.37
CA ASN A 231 -9.78 -13.32 0.16
C ASN A 231 -9.74 -14.83 -0.04
N LEU A 232 -9.47 -15.58 1.04
CA LEU A 232 -9.46 -17.04 0.90
C LEU A 232 -10.82 -17.55 0.43
N THR A 233 -11.90 -16.94 0.92
CA THR A 233 -13.25 -17.33 0.50
C THR A 233 -13.50 -16.97 -0.97
N LEU A 234 -12.99 -15.82 -1.40
CA LEU A 234 -13.06 -15.46 -2.81
C LEU A 234 -12.24 -16.42 -3.68
N TRP A 235 -11.10 -16.88 -3.18
CA TRP A 235 -10.12 -17.59 -4.00
C TRP A 235 -10.28 -19.10 -3.97
N THR A 236 -11.07 -19.65 -3.05
CA THR A 236 -11.20 -21.10 -2.94
C THR A 236 -12.66 -21.55 -2.94
N ARG B 9 -10.67 -6.97 -7.42
CA ARG B 9 -11.62 -7.83 -6.71
C ARG B 9 -11.24 -8.17 -5.26
N PRO B 10 -10.01 -8.61 -4.98
CA PRO B 10 -9.67 -9.00 -3.60
C PRO B 10 -9.34 -7.79 -2.74
N SER B 11 -9.36 -8.03 -1.43
CA SER B 11 -9.19 -6.95 -0.48
C SER B 11 -7.73 -6.78 -0.16
N SEP B 12 -7.23 -5.57 -0.32
CA SEP B 12 -5.91 -5.24 0.22
CB SEP B 12 -5.08 -4.42 -0.76
OG SEP B 12 -5.84 -3.28 -1.11
C SEP B 12 -6.19 -4.47 1.50
O SEP B 12 -7.35 -4.19 1.84
P SEP B 12 -5.15 -2.39 -2.28
O1P SEP B 12 -5.17 -3.24 -3.63
O2P SEP B 12 -6.11 -1.11 -2.34
O3P SEP B 12 -3.69 -1.97 -1.84
N TRP B 13 -5.14 -4.12 2.23
CA TRP B 13 -5.36 -3.47 3.51
C TRP B 13 -6.02 -2.12 3.29
N ARG B 14 -6.93 -1.75 4.17
CA ARG B 14 -7.56 -0.43 4.10
C ARG B 14 -7.85 0.07 5.51
N GLN B 15 -7.71 1.38 5.70
CA GLN B 15 -8.00 2.01 7.00
C GLN B 15 -9.45 2.43 7.13
C10 JFS C . -1.68 -0.71 10.00
C13 JFS C . -1.07 -1.28 7.37
C15 JFS C . -1.28 0.31 9.18
C01 JFS C . -5.18 -1.13 13.88
C02 JFS C . -5.32 -1.58 12.57
C03 JFS C . -4.32 -1.40 11.65
C04 JFS C . -3.10 -0.73 12.07
C05 JFS C . -2.95 -0.29 13.34
C06 JFS C . -3.97 -0.47 14.28
N07 JFS C . -1.71 0.30 13.43
C08 JFS C . -1.13 0.22 12.26
N09 JFS C . -1.98 -0.40 11.41
C11 JFS C . -1.76 -2.04 9.53
C12 JFS C . -1.46 -2.32 8.21
C14 JFS C . -0.97 0.05 7.85
C16 JFS C . -0.72 -1.53 5.92
CA CA D . 16.50 5.94 12.45
MG MG E . 0.95 5.24 -20.49
#